data_5LCE
#
_entry.id   5LCE
#
_cell.length_a   69.873
_cell.length_b   71.200
_cell.length_c   72.636
_cell.angle_alpha   90.00
_cell.angle_beta   100.44
_cell.angle_gamma   90.00
#
_symmetry.space_group_name_H-M   'C 1 2 1'
#
loop_
_entity.id
_entity.type
_entity.pdbx_description
1 polymer Prothrombin
2 polymer Prothrombin
3 polymer 'Hirudin variant-2'
4 non-polymer (2~{S})-1-[(2~{R})-2-azanyl-3-cyclohexyl-propanoyl]-~{N}-[[5-chloranyl-2-(hydroxymethyl)phenyl]methyl]pyrrolidine-2-carboxamide
5 non-polymer 2-acetamido-2-deoxy-beta-D-glucopyranose
6 non-polymer 'PHOSPHATE ION'
7 non-polymer 'DIMETHYL SULFOXIDE'
8 non-polymer 'SODIUM ION'
9 non-polymer 1,2-ETHANEDIOL
10 non-polymer GLYCEROL
11 water water
#
loop_
_entity_poly.entity_id
_entity_poly.type
_entity_poly.pdbx_seq_one_letter_code
_entity_poly.pdbx_strand_id
1 'polypeptide(L)' TFGSGEADCGLRPLFEKKSLEDKTERELLESYIDGR L
2 'polypeptide(L)'
;IVEGSDAEIGMSPWQVMLFRKSPQELLCGASLISDRWVLTAAHCLLYPPWDKNFTENDLLVRIGKHSRTRYERNIEKISM
LEKIYIHPRYNWRENLDRDIALMKLKKPVAFSDYIHPVCLPDRETAASLLQAGYKGRVTGWGNLKETWTANVGKGQPSVL
QVVNLPIVERPVCKDSTRIRITDNMFCAGYKPDEGKRGDACEGDSGGPFVMKSPFNNRWYQMGIVSWGEGCDRDGKYGFY
THVFRLKKWIQKVIDQFGE
;
H
3 'polypeptide(L)' GDFEEIPEE(TYS)LQ I
#
loop_
_chem_comp.id
_chem_comp.type
_chem_comp.name
_chem_comp.formula
6TH non-polymer (2~{S})-1-[(2~{R})-2-azanyl-3-cyclohexyl-propanoyl]-~{N}-[[5-chloranyl-2-(hydroxymethyl)phenyl]methyl]pyrrolidine-2-carboxamide 'C22 H32 Cl N3 O3'
DMS non-polymer 'DIMETHYL SULFOXIDE' 'C2 H6 O S'
EDO non-polymer 1,2-ETHANEDIOL 'C2 H6 O2'
GOL non-polymer GLYCEROL 'C3 H8 O3'
NA non-polymer 'SODIUM ION' 'Na 1'
NAG D-saccharide, beta linking 2-acetamido-2-deoxy-beta-D-glucopyranose 'C8 H15 N O6'
PO4 non-polymer 'PHOSPHATE ION' 'O4 P -3'
#
# COMPACT_ATOMS: atom_id res chain seq x y z
N GLU A 6 -9.96 7.17 -12.29
CA GLU A 6 -9.63 7.80 -13.57
C GLU A 6 -9.65 6.77 -14.68
N ALA A 7 -10.00 7.21 -15.90
CA ALA A 7 -10.02 6.31 -17.05
C ALA A 7 -8.62 5.78 -17.37
N ASP A 8 -7.58 6.44 -16.91
CA ASP A 8 -6.20 6.06 -17.17
C ASP A 8 -5.57 5.32 -16.01
N CYS A 9 -6.35 4.96 -15.00
CA CYS A 9 -5.77 4.40 -13.79
C CYS A 9 -5.02 3.11 -14.09
N GLY A 10 -3.99 2.85 -13.30
CA GLY A 10 -3.33 1.57 -13.32
C GLY A 10 -2.44 1.32 -14.51
N LEU A 11 -2.22 2.32 -15.35
CA LEU A 11 -1.33 2.21 -16.51
C LEU A 11 -0.13 3.12 -16.24
N ARG A 12 1.03 2.52 -16.00
CA ARG A 12 2.16 3.32 -15.54
C ARG A 12 2.84 4.03 -16.71
N PRO A 13 3.15 5.33 -16.58
CA PRO A 13 3.82 6.05 -17.67
C PRO A 13 5.10 5.39 -18.16
N LEU A 14 5.92 4.85 -17.26
CA LEU A 14 7.21 4.32 -17.67
C LEU A 14 7.16 2.83 -18.00
N PHE A 15 5.98 2.21 -17.91
CA PHE A 15 5.84 0.79 -18.20
C PHE A 15 4.72 0.54 -19.20
N GLU A 16 3.48 0.36 -18.71
CA GLU A 16 2.39 0.03 -19.62
C GLU A 16 2.24 1.04 -20.74
N LYS A 17 2.38 2.34 -20.43
N LYS A 17 2.41 2.34 -20.43
CA LYS A 17 2.16 3.36 -21.47
CA LYS A 17 2.20 3.37 -21.44
C LYS A 17 3.24 3.34 -22.53
C LYS A 17 3.17 3.22 -22.61
N LYS A 18 4.37 2.67 -22.27
N LYS A 18 4.38 2.72 -22.35
CA LYS A 18 5.45 2.53 -23.23
CA LYS A 18 5.39 2.54 -23.38
C LYS A 18 5.60 1.09 -23.72
C LYS A 18 5.54 1.10 -23.82
N SER A 19 4.69 0.20 -23.32
CA SER A 19 4.83 -1.24 -23.56
C SER A 19 6.19 -1.77 -23.10
N LEU A 20 6.62 -1.33 -21.93
CA LEU A 20 7.79 -1.88 -21.26
C LEU A 20 7.33 -2.64 -20.02
N GLU A 21 8.01 -3.74 -19.74
N GLU A 21 7.91 -3.80 -19.80
CA GLU A 21 7.69 -4.65 -18.66
CA GLU A 21 7.58 -4.57 -18.60
C GLU A 21 8.68 -4.46 -17.52
C GLU A 21 8.63 -4.32 -17.53
N ASP A 22 8.18 -4.39 -16.27
CA ASP A 22 9.10 -4.35 -15.16
C ASP A 22 9.70 -5.74 -14.92
N LYS A 23 10.70 -5.82 -14.05
CA LYS A 23 11.51 -7.03 -13.97
C LYS A 23 10.80 -8.22 -13.33
N THR A 24 9.71 -8.01 -12.57
CA THR A 24 9.07 -9.13 -11.90
C THR A 24 7.58 -9.25 -12.15
N GLU A 25 6.99 -8.41 -13.00
CA GLU A 25 5.55 -8.52 -13.18
C GLU A 25 5.15 -9.87 -13.80
N ARG A 26 6.06 -10.49 -14.55
CA ARG A 26 5.76 -11.81 -15.12
C ARG A 26 5.50 -12.84 -14.03
N GLU A 27 6.17 -12.72 -12.87
CA GLU A 27 5.91 -13.62 -11.76
C GLU A 27 4.45 -13.56 -11.33
N LEU A 28 3.85 -12.36 -11.34
CA LEU A 28 2.44 -12.23 -11.02
C LEU A 28 1.59 -12.92 -12.07
N LEU A 29 1.84 -12.62 -13.35
CA LEU A 29 1.05 -13.22 -14.42
C LEU A 29 1.08 -14.74 -14.34
N GLU A 30 2.27 -15.32 -14.09
CA GLU A 30 2.38 -16.78 -14.06
C GLU A 30 1.62 -17.42 -12.92
N SER A 31 1.32 -16.66 -11.87
CA SER A 31 0.52 -17.17 -10.76
C SER A 31 -0.97 -17.15 -11.04
N TYR A 32 -1.42 -16.44 -12.07
CA TYR A 32 -2.87 -16.30 -12.34
C TYR A 32 -3.29 -17.46 -13.23
N ILE A 33 -3.48 -18.62 -12.59
CA ILE A 33 -3.66 -19.89 -13.29
C ILE A 33 -5.12 -20.33 -13.34
N ILE B 1 9.80 -3.50 4.22
CA ILE B 1 9.64 -4.71 3.43
C ILE B 1 10.83 -5.64 3.70
N VAL B 2 10.54 -6.88 4.09
CA VAL B 2 11.56 -7.89 4.37
C VAL B 2 11.74 -8.77 3.13
N GLU B 3 12.99 -8.97 2.73
CA GLU B 3 13.33 -9.88 1.64
C GLU B 3 12.75 -9.44 0.31
N GLY B 4 12.60 -8.13 0.11
CA GLY B 4 12.24 -7.57 -1.17
C GLY B 4 13.45 -7.07 -1.92
N SER B 5 13.18 -6.20 -2.91
N SER B 5 13.18 -6.21 -2.91
CA SER B 5 14.23 -5.63 -3.73
CA SER B 5 14.23 -5.63 -3.74
C SER B 5 13.94 -4.16 -3.97
C SER B 5 13.94 -4.15 -3.95
N ASP B 6 14.95 -3.44 -4.44
CA ASP B 6 14.77 -2.04 -4.79
C ASP B 6 13.76 -1.93 -5.93
N ALA B 7 12.83 -1.01 -5.81
CA ALA B 7 11.90 -0.72 -6.89
C ALA B 7 12.64 -0.12 -8.09
N GLU B 8 12.11 -0.38 -9.28
CA GLU B 8 12.53 0.35 -10.47
C GLU B 8 11.91 1.75 -10.44
N ILE B 9 12.57 2.68 -11.15
CA ILE B 9 12.02 4.03 -11.27
C ILE B 9 10.64 3.96 -11.92
N GLY B 10 9.66 4.64 -11.30
CA GLY B 10 8.31 4.65 -11.84
C GLY B 10 7.55 3.35 -11.73
N MET B 11 8.04 2.39 -10.93
CA MET B 11 7.42 1.08 -10.86
C MET B 11 6.10 1.12 -10.10
N SER B 12 5.96 2.05 -9.16
N SER B 12 5.98 2.00 -9.12
CA SER B 12 4.79 2.14 -8.30
CA SER B 12 4.76 2.14 -8.31
C SER B 12 4.41 3.61 -8.18
C SER B 12 4.43 3.61 -8.20
N PRO B 13 3.95 4.21 -9.28
CA PRO B 13 3.77 5.68 -9.28
C PRO B 13 2.59 6.15 -8.46
N TRP B 14 1.79 5.22 -7.95
CA TRP B 14 0.74 5.51 -6.99
C TRP B 14 1.23 5.48 -5.54
N GLN B 15 2.50 5.16 -5.31
N GLN B 15 2.50 5.15 -5.29
CA GLN B 15 3.03 5.10 -3.96
CA GLN B 15 2.95 4.99 -3.91
C GLN B 15 2.95 6.47 -3.30
C GLN B 15 3.09 6.37 -3.25
N VAL B 16 2.53 6.50 -2.05
CA VAL B 16 2.50 7.75 -1.30
C VAL B 16 3.17 7.50 0.04
N MET B 17 3.95 8.48 0.50
CA MET B 17 4.54 8.45 1.83
C MET B 17 3.76 9.40 2.72
N LEU B 18 3.25 8.90 3.84
CA LEU B 18 2.64 9.73 4.87
C LEU B 18 3.77 10.22 5.77
N PHE B 19 3.84 11.53 5.97
CA PHE B 19 5.00 12.18 6.57
C PHE B 19 4.56 13.09 7.70
N ARG B 20 5.19 12.94 8.85
CA ARG B 20 4.89 13.81 9.98
C ARG B 20 5.59 15.14 9.80
N LYS B 21 4.88 16.23 10.08
CA LYS B 21 5.46 17.57 9.93
C LYS B 21 6.53 17.83 10.98
N SER B 22 6.26 17.48 12.23
CA SER B 22 7.18 17.80 13.31
C SER B 22 7.04 16.79 14.44
N PRO B 23 8.09 15.99 14.69
CA PRO B 23 9.35 15.97 13.93
C PRO B 23 9.15 15.37 12.55
N GLN B 24 10.05 15.69 11.63
CA GLN B 24 9.92 15.23 10.25
C GLN B 24 10.31 13.76 10.18
N GLU B 25 9.35 12.89 9.88
CA GLU B 25 9.61 11.46 9.89
C GLU B 25 8.55 10.74 9.06
N LEU B 26 8.95 9.61 8.51
CA LEU B 26 7.98 8.75 7.84
C LEU B 26 6.99 8.19 8.86
N LEU B 27 5.72 8.20 8.50
CA LEU B 27 4.67 7.61 9.32
C LEU B 27 4.10 6.32 8.76
N CYS B 28 3.94 6.24 7.44
CA CYS B 28 3.19 5.16 6.85
C CYS B 28 3.34 5.27 5.34
N GLY B 29 2.93 4.19 4.67
CA GLY B 29 2.64 4.24 3.26
C GLY B 29 1.17 4.57 3.01
N ALA B 30 0.85 4.71 1.72
CA ALA B 30 -0.46 5.14 1.25
C ALA B 30 -0.45 5.00 -0.27
N SER B 31 -1.57 5.28 -0.92
CA SER B 31 -1.65 5.14 -2.36
C SER B 31 -2.52 6.23 -2.97
N LEU B 32 -2.19 6.59 -4.19
CA LEU B 32 -2.89 7.63 -4.92
C LEU B 32 -3.98 6.99 -5.78
N ILE B 33 -5.24 7.38 -5.56
CA ILE B 33 -6.37 6.81 -6.30
C ILE B 33 -7.04 7.82 -7.22
N SER B 34 -6.70 9.09 -7.13
CA SER B 34 -7.14 10.13 -8.07
C SER B 34 -6.24 11.33 -7.82
N ASP B 35 -6.51 12.43 -8.53
CA ASP B 35 -5.65 13.60 -8.32
C ASP B 35 -5.87 14.27 -6.97
N ARG B 36 -6.90 13.88 -6.22
CA ARG B 36 -7.24 14.53 -4.95
C ARG B 36 -7.38 13.57 -3.78
N TRP B 37 -7.30 12.26 -4.01
CA TRP B 37 -7.64 11.29 -2.96
C TRP B 37 -6.51 10.29 -2.76
N VAL B 38 -6.18 10.05 -1.49
CA VAL B 38 -5.14 9.12 -1.09
C VAL B 38 -5.76 8.11 -0.13
N LEU B 39 -5.43 6.84 -0.34
CA LEU B 39 -5.96 5.73 0.44
C LEU B 39 -4.86 5.23 1.38
N THR B 40 -5.22 4.93 2.64
CA THR B 40 -4.26 4.40 3.60
C THR B 40 -4.98 3.51 4.60
N ALA B 41 -4.22 2.99 5.57
CA ALA B 41 -4.79 2.23 6.69
C ALA B 41 -5.27 3.19 7.76
N ALA B 42 -6.42 2.86 8.37
CA ALA B 42 -6.90 3.68 9.47
C ALA B 42 -5.91 3.77 10.62
N HIS B 43 -5.18 2.67 10.90
CA HIS B 43 -4.27 2.71 12.04
C HIS B 43 -3.07 3.62 11.81
N CYS B 44 -2.85 4.08 10.57
CA CYS B 44 -1.84 5.09 10.31
C CYS B 44 -2.24 6.44 10.87
N LEU B 45 -3.53 6.65 11.08
CA LEU B 45 -4.05 7.93 11.55
C LEU B 45 -4.64 7.86 12.94
N LEU B 46 -5.18 6.70 13.32
CA LEU B 46 -5.88 6.58 14.60
C LEU B 46 -5.53 5.22 15.20
N TYR B 47 -4.82 5.22 16.31
CA TYR B 47 -4.53 3.98 17.04
C TYR B 47 -4.32 4.32 18.52
N PRO B 48 -5.41 4.39 19.27
CA PRO B 48 -5.34 4.84 20.68
C PRO B 48 -4.40 4.00 21.56
N PRO B 49 -4.24 2.68 21.33
CA PRO B 49 -3.27 1.95 22.17
C PRO B 49 -1.86 2.53 22.13
N TRP B 50 -1.51 3.23 21.05
CA TRP B 50 -0.20 3.86 20.92
C TRP B 50 -0.28 5.37 21.03
N ASP B 51 -1.39 5.91 21.53
CA ASP B 51 -1.58 7.36 21.67
C ASP B 51 -1.51 8.07 20.32
N LYS B 52 -1.96 7.42 19.25
CA LYS B 52 -1.92 7.98 17.91
C LYS B 52 -3.31 8.47 17.54
N ASN B 53 -3.42 9.77 17.24
CA ASN B 53 -4.67 10.35 16.76
C ASN B 53 -4.33 11.62 16.00
N PHE B 54 -3.95 11.48 14.74
CA PHE B 54 -3.47 12.63 13.98
C PHE B 54 -4.63 13.47 13.46
N THR B 55 -4.38 14.77 13.37
CA THR B 55 -5.26 15.69 12.66
C THR B 55 -4.60 16.07 11.34
N GLU B 56 -5.39 16.69 10.47
CA GLU B 56 -4.92 17.03 9.13
C GLU B 56 -3.65 17.84 9.16
N ASN B 57 -3.58 18.85 10.04
CA ASN B 57 -2.45 19.75 10.04
C ASN B 57 -1.18 19.12 10.61
N ASP B 58 -1.27 17.89 11.14
CA ASP B 58 -0.09 17.19 11.62
C ASP B 58 0.72 16.58 10.49
N LEU B 59 0.16 16.49 9.28
CA LEU B 59 0.60 15.53 8.29
C LEU B 59 0.86 16.19 6.95
N LEU B 60 1.73 15.56 6.17
CA LEU B 60 1.88 15.82 4.75
C LEU B 60 1.89 14.48 4.03
N VAL B 61 1.60 14.52 2.73
CA VAL B 61 1.82 13.37 1.87
C VAL B 61 2.87 13.73 0.85
N ARG B 62 3.73 12.78 0.55
CA ARG B 62 4.81 12.96 -0.42
C ARG B 62 4.62 11.93 -1.53
N ILE B 63 4.47 12.41 -2.76
CA ILE B 63 4.02 11.60 -3.89
C ILE B 63 5.10 11.64 -4.96
N GLY B 64 5.31 10.52 -5.63
CA GLY B 64 6.35 10.46 -6.64
C GLY B 64 7.71 10.07 -6.14
N LYS B 65 7.81 9.57 -4.91
CA LYS B 65 9.10 9.32 -4.29
C LYS B 65 9.70 7.97 -4.66
N HIS B 66 11.02 7.92 -4.55
CA HIS B 66 11.79 6.68 -4.69
C HIS B 66 12.72 6.56 -3.50
N SER B 67 13.61 7.54 -3.32
CA SER B 67 14.44 7.57 -2.13
C SER B 67 13.59 7.72 -0.87
N ARG B 68 13.96 7.01 0.19
CA ARG B 68 13.25 7.15 1.46
C ARG B 68 13.48 8.52 2.08
N THR B 69 14.74 8.94 2.21
CA THR B 69 15.08 10.07 3.06
C THR B 69 15.37 11.35 2.30
N ARG B 70 15.70 11.27 1.02
N ARG B 70 15.69 11.28 1.02
CA ARG B 70 16.07 12.44 0.24
CA ARG B 70 16.10 12.48 0.31
C ARG B 70 14.85 13.28 -0.11
C ARG B 70 14.90 13.27 -0.18
N TYR B 71 15.05 14.59 -0.21
CA TYR B 71 14.06 15.47 -0.84
C TYR B 71 14.32 15.41 -2.35
N GLU B 72 13.38 14.80 -3.08
CA GLU B 72 13.62 14.48 -4.48
C GLU B 72 13.13 15.63 -5.35
N ARG B 73 13.96 16.66 -5.39
CA ARG B 73 13.63 17.90 -6.06
C ARG B 73 13.30 17.65 -7.54
N ASN B 74 12.24 18.32 -8.01
CA ASN B 74 11.72 18.27 -9.37
C ASN B 74 11.03 16.96 -9.72
N ILE B 75 10.88 16.05 -8.74
CA ILE B 75 10.28 14.74 -8.96
C ILE B 75 9.11 14.53 -8.00
N GLU B 76 9.41 14.51 -6.70
CA GLU B 76 8.32 14.31 -5.76
C GLU B 76 7.50 15.59 -5.62
N LYS B 77 6.25 15.42 -5.20
CA LYS B 77 5.37 16.52 -4.90
C LYS B 77 4.80 16.33 -3.51
N ILE B 78 4.71 17.41 -2.76
CA ILE B 78 4.30 17.39 -1.36
C ILE B 78 2.97 18.11 -1.23
N SER B 79 1.98 17.43 -0.65
CA SER B 79 0.62 17.95 -0.57
C SER B 79 0.17 18.02 0.88
N MET B 80 -0.59 19.07 1.19
CA MET B 80 -1.25 19.19 2.47
C MET B 80 -2.61 18.50 2.41
N LEU B 81 -3.13 18.14 3.59
CA LEU B 81 -4.39 17.41 3.70
C LEU B 81 -5.53 18.39 3.95
N GLU B 82 -6.61 18.23 3.19
CA GLU B 82 -7.84 18.95 3.50
C GLU B 82 -8.64 18.25 4.60
N LYS B 83 -8.80 16.93 4.51
CA LYS B 83 -9.64 16.22 5.46
C LYS B 83 -9.25 14.75 5.51
N ILE B 84 -9.32 14.17 6.72
CA ILE B 84 -9.17 12.74 6.96
C ILE B 84 -10.55 12.13 7.16
N TYR B 85 -10.77 10.95 6.56
CA TYR B 85 -12.00 10.18 6.76
C TYR B 85 -11.61 8.76 7.13
N ILE B 86 -12.01 8.33 8.33
CA ILE B 86 -11.74 6.99 8.83
C ILE B 86 -13.04 6.20 8.74
N HIS B 87 -12.93 4.92 8.38
CA HIS B 87 -14.13 4.09 8.32
C HIS B 87 -14.85 4.15 9.67
N PRO B 88 -16.17 4.38 9.67
CA PRO B 88 -16.87 4.54 10.95
C PRO B 88 -16.92 3.27 11.79
N ARG B 89 -16.67 2.11 11.20
CA ARG B 89 -16.64 0.86 11.93
C ARG B 89 -15.24 0.26 12.03
N TYR B 90 -14.21 1.06 11.79
CA TYR B 90 -12.84 0.65 12.04
C TYR B 90 -12.69 0.19 13.48
N ASN B 91 -12.19 -1.02 13.66
CA ASN B 91 -12.11 -1.66 14.97
C ASN B 91 -10.66 -1.66 15.44
N TRP B 92 -10.26 -0.56 16.07
CA TRP B 92 -8.93 -0.48 16.67
C TRP B 92 -8.85 -1.19 18.00
N ARG B 93 -9.99 -1.58 18.57
N ARG B 93 -9.99 -1.59 18.58
CA ARG B 93 -9.99 -2.18 19.91
CA ARG B 93 -9.96 -2.18 19.91
C ARG B 93 -9.53 -3.63 19.87
C ARG B 93 -9.55 -3.64 19.88
N GLU B 94 -9.96 -4.38 18.84
CA GLU B 94 -9.77 -5.83 18.81
C GLU B 94 -8.79 -6.30 17.76
N ASN B 95 -9.10 -6.12 16.47
CA ASN B 95 -8.41 -6.86 15.43
C ASN B 95 -8.16 -6.03 14.16
N LEU B 96 -8.27 -4.71 14.23
CA LEU B 96 -8.06 -3.83 13.07
C LEU B 96 -9.07 -4.12 11.94
N ASP B 97 -10.26 -4.61 12.28
CA ASP B 97 -11.29 -4.81 11.26
C ASP B 97 -11.61 -3.48 10.59
N ARG B 98 -11.73 -3.52 9.26
CA ARG B 98 -12.05 -2.35 8.45
C ARG B 98 -10.97 -1.28 8.57
N ASP B 99 -9.72 -1.69 8.40
CA ASP B 99 -8.55 -0.83 8.59
C ASP B 99 -8.33 -0.01 7.33
N ILE B 100 -9.13 1.06 7.18
CA ILE B 100 -9.12 1.83 5.94
C ILE B 100 -9.44 3.29 6.24
N ALA B 101 -8.76 4.18 5.53
CA ALA B 101 -8.98 5.61 5.68
C ALA B 101 -8.70 6.29 4.35
N LEU B 102 -9.34 7.43 4.14
CA LEU B 102 -9.10 8.28 2.99
C LEU B 102 -8.61 9.65 3.44
N MET B 103 -7.76 10.25 2.63
CA MET B 103 -7.26 11.61 2.85
C MET B 103 -7.52 12.40 1.58
N LYS B 104 -8.25 13.52 1.70
CA LYS B 104 -8.48 14.41 0.58
C LYS B 104 -7.39 15.49 0.59
N LEU B 105 -6.79 15.73 -0.57
CA LEU B 105 -5.73 16.72 -0.66
C LEU B 105 -6.31 18.12 -0.79
N LYS B 106 -5.57 19.12 -0.28
CA LYS B 106 -6.02 20.49 -0.38
C LYS B 106 -6.11 20.95 -1.84
N LYS B 107 -5.20 20.47 -2.69
CA LYS B 107 -5.15 20.84 -4.10
C LYS B 107 -4.80 19.59 -4.89
N PRO B 108 -5.27 19.50 -6.14
CA PRO B 108 -4.95 18.31 -6.95
C PRO B 108 -3.47 18.24 -7.26
N VAL B 109 -2.93 17.02 -7.27
CA VAL B 109 -1.55 16.79 -7.64
C VAL B 109 -1.46 16.59 -9.14
N ALA B 110 -0.40 17.12 -9.75
CA ALA B 110 -0.20 16.94 -11.17
C ALA B 110 0.41 15.58 -11.44
N PHE B 111 -0.19 14.83 -12.36
CA PHE B 111 0.38 13.54 -12.74
C PHE B 111 1.64 13.76 -13.56
N SER B 112 2.51 12.75 -13.56
CA SER B 112 3.80 12.82 -14.24
C SER B 112 4.26 11.38 -14.50
N ASP B 113 5.49 11.23 -15.00
CA ASP B 113 6.04 9.88 -15.15
C ASP B 113 6.14 9.14 -13.82
N TYR B 114 6.16 9.88 -12.70
CA TYR B 114 6.42 9.33 -11.37
C TYR B 114 5.20 9.34 -10.49
N ILE B 115 4.10 9.94 -10.94
CA ILE B 115 2.90 10.17 -10.15
C ILE B 115 1.72 9.78 -11.00
N HIS B 116 0.99 8.74 -10.60
CA HIS B 116 -0.11 8.24 -11.41
C HIS B 116 -0.99 7.36 -10.54
N PRO B 117 -2.30 7.42 -10.68
CA PRO B 117 -3.19 6.67 -9.76
C PRO B 117 -3.33 5.21 -10.13
N VAL B 118 -3.55 4.41 -9.09
CA VAL B 118 -3.88 2.99 -9.23
C VAL B 118 -5.38 2.84 -9.37
N CYS B 119 -5.83 1.73 -9.97
CA CYS B 119 -7.25 1.46 -10.05
C CYS B 119 -7.76 0.78 -8.78
N LEU B 120 -9.03 1.02 -8.45
CA LEU B 120 -9.66 0.21 -7.42
C LEU B 120 -10.48 -0.89 -8.07
N PRO B 121 -10.53 -2.08 -7.48
CA PRO B 121 -11.18 -3.22 -8.13
C PRO B 121 -12.69 -3.10 -8.16
N ASP B 122 -13.27 -3.60 -9.23
CA ASP B 122 -14.69 -3.92 -9.30
C ASP B 122 -14.91 -5.32 -8.74
N ARG B 123 -16.18 -5.70 -8.58
CA ARG B 123 -16.53 -6.99 -8.02
C ARG B 123 -15.93 -8.13 -8.82
N GLU B 124 -15.93 -8.02 -10.15
CA GLU B 124 -15.48 -9.12 -10.99
C GLU B 124 -13.96 -9.28 -10.96
N THR B 125 -13.23 -8.16 -11.00
CA THR B 125 -11.78 -8.27 -10.90
C THR B 125 -11.38 -8.83 -9.53
N ALA B 126 -12.10 -8.44 -8.47
CA ALA B 126 -11.83 -8.99 -7.15
C ALA B 126 -12.12 -10.49 -7.11
N ALA B 127 -13.26 -10.90 -7.65
CA ALA B 127 -13.61 -12.32 -7.63
C ALA B 127 -12.60 -13.14 -8.44
N SER B 128 -12.12 -12.58 -9.55
N SER B 128 -12.15 -12.61 -9.57
CA SER B 128 -11.24 -13.30 -10.46
CA SER B 128 -11.23 -13.36 -10.40
C SER B 128 -9.81 -13.39 -9.95
C SER B 128 -9.86 -13.51 -9.73
N LEU B 129 -9.35 -12.40 -9.19
CA LEU B 129 -7.95 -12.35 -8.79
C LEU B 129 -7.68 -12.68 -7.33
N LEU B 130 -8.65 -12.51 -6.44
N LEU B 130 -8.64 -12.53 -6.43
CA LEU B 130 -8.46 -12.79 -5.02
CA LEU B 130 -8.35 -12.74 -5.00
C LEU B 130 -8.63 -14.29 -4.79
C LEU B 130 -8.53 -14.22 -4.66
N GLN B 131 -7.61 -15.03 -5.20
CA GLN B 131 -7.62 -16.48 -5.07
C GLN B 131 -6.31 -16.95 -4.50
N ALA B 132 -6.36 -17.99 -3.68
CA ALA B 132 -5.17 -18.53 -3.05
C ALA B 132 -4.15 -18.91 -4.13
N GLY B 133 -2.89 -18.51 -3.91
CA GLY B 133 -1.83 -18.78 -4.83
C GLY B 133 -1.56 -17.65 -5.81
N TYR B 134 -2.58 -16.83 -6.10
CA TYR B 134 -2.36 -15.69 -6.98
C TYR B 134 -1.51 -14.66 -6.26
N LYS B 135 -0.53 -14.09 -6.96
CA LYS B 135 0.42 -13.20 -6.32
C LYS B 135 0.05 -11.73 -6.53
N GLY B 136 0.26 -10.94 -5.48
CA GLY B 136 0.23 -9.51 -5.57
C GLY B 136 1.57 -8.93 -5.19
N ARG B 137 1.62 -7.60 -5.18
CA ARG B 137 2.88 -6.88 -4.97
C ARG B 137 2.68 -5.86 -3.88
N VAL B 138 3.61 -5.84 -2.92
CA VAL B 138 3.57 -4.93 -1.78
C VAL B 138 4.80 -4.04 -1.86
N THR B 139 4.62 -2.75 -1.58
CA THR B 139 5.71 -1.78 -1.68
C THR B 139 5.74 -0.90 -0.44
N GLY B 140 6.94 -0.48 -0.05
CA GLY B 140 7.03 0.45 1.05
C GLY B 140 8.45 0.76 1.43
N TRP B 141 8.57 1.71 2.36
CA TRP B 141 9.85 2.17 2.88
C TRP B 141 10.07 1.70 4.32
N GLY B 142 9.29 0.72 4.77
CA GLY B 142 9.39 0.24 6.13
C GLY B 142 10.63 -0.59 6.37
N ASN B 143 10.72 -1.13 7.58
CA ASN B 143 11.92 -1.83 8.02
C ASN B 143 12.23 -3.04 7.15
N LEU B 144 13.53 -3.30 7.01
CA LEU B 144 14.02 -4.43 6.22
C LEU B 144 14.03 -5.73 7.00
N LYS B 145 13.93 -5.67 8.33
CA LYS B 145 13.85 -6.88 9.14
C LYS B 145 13.10 -6.54 10.43
N GLU B 146 12.61 -7.59 11.07
CA GLU B 146 11.80 -7.39 12.27
C GLU B 146 12.63 -6.77 13.39
N THR B 147 13.85 -7.24 13.58
CA THR B 147 14.70 -6.81 14.68
C THR B 147 16.07 -6.40 14.17
N GLY B 155 18.86 -1.63 8.75
CA GLY B 155 17.49 -1.84 9.15
C GLY B 155 16.46 -1.13 8.29
N GLN B 156 16.85 -0.01 7.67
CA GLN B 156 15.91 0.78 6.89
C GLN B 156 16.46 1.01 5.48
N PRO B 157 15.59 1.06 4.49
CA PRO B 157 16.07 1.05 3.10
C PRO B 157 16.43 2.44 2.59
N SER B 158 17.36 2.46 1.61
CA SER B 158 17.67 3.70 0.91
C SER B 158 16.54 4.12 -0.02
N VAL B 159 15.93 3.16 -0.73
CA VAL B 159 14.87 3.44 -1.70
C VAL B 159 13.70 2.51 -1.47
N LEU B 160 12.60 2.84 -2.13
CA LEU B 160 11.37 2.05 -2.05
C LEU B 160 11.65 0.58 -2.33
N GLN B 161 11.06 -0.29 -1.52
CA GLN B 161 11.23 -1.73 -1.64
C GLN B 161 9.96 -2.37 -2.18
N VAL B 162 10.14 -3.49 -2.88
N VAL B 162 10.12 -3.49 -2.88
CA VAL B 162 9.05 -4.21 -3.54
CA VAL B 162 9.01 -4.20 -3.51
C VAL B 162 9.19 -5.70 -3.21
C VAL B 162 9.17 -5.69 -3.28
N VAL B 163 8.05 -6.37 -3.00
CA VAL B 163 8.05 -7.83 -2.85
C VAL B 163 6.73 -8.37 -3.41
N ASN B 164 6.83 -9.48 -4.13
CA ASN B 164 5.66 -10.17 -4.67
C ASN B 164 5.33 -11.34 -3.75
N LEU B 165 4.06 -11.46 -3.36
CA LEU B 165 3.65 -12.46 -2.37
C LEU B 165 2.35 -13.12 -2.79
N PRO B 166 2.20 -14.43 -2.56
CA PRO B 166 0.96 -15.12 -2.89
C PRO B 166 -0.12 -14.95 -1.82
N ILE B 167 -1.36 -14.80 -2.28
CA ILE B 167 -2.51 -14.85 -1.39
C ILE B 167 -2.62 -16.25 -0.80
N VAL B 168 -3.00 -16.33 0.46
CA VAL B 168 -3.03 -17.59 1.19
C VAL B 168 -4.48 -18.02 1.43
N GLU B 169 -4.71 -19.34 1.40
CA GLU B 169 -6.01 -19.91 1.70
C GLU B 169 -6.53 -19.42 3.05
N ARG B 170 -7.80 -19.07 3.11
CA ARG B 170 -8.35 -18.51 4.34
C ARG B 170 -8.21 -19.41 5.56
N PRO B 171 -8.39 -20.74 5.48
CA PRO B 171 -8.15 -21.57 6.68
C PRO B 171 -6.73 -21.51 7.17
N VAL B 172 -5.76 -21.39 6.26
CA VAL B 172 -4.37 -21.30 6.68
C VAL B 172 -4.11 -19.96 7.37
N CYS B 173 -4.68 -18.88 6.83
CA CYS B 173 -4.58 -17.57 7.51
C CYS B 173 -5.15 -17.67 8.92
N LYS B 174 -6.34 -18.23 9.05
N LYS B 174 -6.34 -18.24 9.05
CA LYS B 174 -6.99 -18.33 10.36
CA LYS B 174 -6.99 -18.34 10.36
C LYS B 174 -6.16 -19.17 11.32
C LYS B 174 -6.18 -19.19 11.32
N ASP B 175 -5.59 -20.28 10.83
CA ASP B 175 -4.86 -21.22 11.69
C ASP B 175 -3.47 -20.72 12.06
N SER B 176 -3.03 -19.60 11.51
CA SER B 176 -1.70 -19.06 11.78
C SER B 176 -1.68 -18.09 12.95
N THR B 177 -2.83 -17.76 13.52
CA THR B 177 -2.90 -16.65 14.46
C THR B 177 -4.03 -16.89 15.46
N ARG B 178 -3.94 -16.23 16.60
CA ARG B 178 -5.04 -16.21 17.55
C ARG B 178 -5.96 -15.00 17.35
N ILE B 179 -5.57 -14.05 16.50
CA ILE B 179 -6.42 -12.90 16.20
C ILE B 179 -7.64 -13.39 15.42
N ARG B 180 -8.79 -12.78 15.69
CA ARG B 180 -10.01 -13.10 14.94
C ARG B 180 -9.95 -12.45 13.56
N ILE B 181 -9.94 -13.26 12.52
CA ILE B 181 -9.89 -12.79 11.14
C ILE B 181 -11.32 -12.51 10.68
N THR B 182 -11.49 -11.52 9.81
CA THR B 182 -12.80 -11.20 9.25
C THR B 182 -12.75 -11.21 7.73
N ASP B 183 -13.94 -11.16 7.13
CA ASP B 183 -14.07 -11.06 5.68
C ASP B 183 -13.48 -9.78 5.11
N ASN B 184 -13.20 -8.79 5.96
CA ASN B 184 -12.60 -7.54 5.52
C ASN B 184 -11.07 -7.61 5.48
N MET B 185 -10.50 -8.81 5.59
CA MET B 185 -9.07 -9.03 5.57
C MET B 185 -8.75 -10.21 4.66
N PHE B 186 -7.55 -10.19 4.10
CA PHE B 186 -6.99 -11.41 3.52
C PHE B 186 -5.52 -11.46 3.93
N CYS B 187 -4.91 -12.64 3.81
CA CYS B 187 -3.50 -12.73 4.17
C CYS B 187 -2.68 -13.23 2.98
N ALA B 188 -1.38 -12.93 3.04
CA ALA B 188 -0.47 -13.24 1.94
C ALA B 188 0.92 -13.51 2.49
N GLY B 189 1.67 -14.30 1.75
CA GLY B 189 3.03 -14.67 2.12
C GLY B 189 3.27 -16.12 1.77
N TYR B 190 4.55 -16.49 1.78
CA TYR B 190 4.93 -17.87 1.49
C TYR B 190 4.81 -18.74 2.73
N LYS B 191 4.55 -20.02 2.50
CA LYS B 191 4.54 -21.01 3.57
C LYS B 191 5.96 -21.47 3.86
N PRO B 192 6.20 -21.99 5.06
CA PRO B 192 7.57 -22.46 5.40
C PRO B 192 8.15 -23.42 4.37
N ASP B 193 7.32 -24.29 3.80
CA ASP B 193 7.81 -25.28 2.84
C ASP B 193 8.06 -24.71 1.46
N GLU B 194 7.63 -23.48 1.18
CA GLU B 194 7.74 -22.92 -0.17
C GLU B 194 9.13 -22.38 -0.50
N GLY B 195 10.01 -22.20 0.48
N GLY B 195 10.00 -22.26 0.50
CA GLY B 195 11.39 -21.86 0.15
CA GLY B 195 11.36 -21.77 0.35
C GLY B 195 11.64 -20.47 -0.40
C GLY B 195 11.48 -20.27 0.30
N LYS B 196 10.62 -19.61 -0.48
CA LYS B 196 10.78 -18.19 -0.70
C LYS B 196 10.24 -17.44 0.50
N ARG B 197 10.63 -16.17 0.62
CA ARG B 197 10.33 -15.38 1.81
C ARG B 197 9.79 -14.02 1.39
N GLY B 198 9.45 -13.21 2.38
CA GLY B 198 9.05 -11.83 2.15
C GLY B 198 7.82 -11.47 2.97
N ASP B 199 7.75 -10.20 3.36
CA ASP B 199 6.66 -9.70 4.18
C ASP B 199 6.74 -8.18 4.19
N ALA B 200 5.62 -7.56 4.54
CA ALA B 200 5.65 -6.19 4.99
C ALA B 200 6.20 -6.12 6.41
N CYS B 201 6.52 -4.91 6.86
CA CYS B 201 7.01 -4.75 8.22
C CYS B 201 6.59 -3.37 8.72
N GLU B 202 7.06 -3.02 9.93
N GLU B 202 7.07 -3.02 9.92
CA GLU B 202 6.72 -1.72 10.49
CA GLU B 202 6.79 -1.71 10.50
C GLU B 202 7.19 -0.60 9.56
C GLU B 202 7.20 -0.60 9.54
N GLY B 203 6.31 0.37 9.34
CA GLY B 203 6.55 1.45 8.41
C GLY B 203 5.95 1.24 7.04
N ASP B 204 5.60 0.00 6.70
CA ASP B 204 4.90 -0.31 5.44
C ASP B 204 3.40 -0.16 5.56
N SER B 205 2.89 -0.06 6.79
CA SER B 205 1.47 0.16 7.08
C SER B 205 0.85 1.15 6.11
N GLY B 206 -0.32 0.81 5.60
CA GLY B 206 -1.07 1.73 4.78
C GLY B 206 -0.72 1.70 3.31
N GLY B 207 0.39 1.08 2.93
CA GLY B 207 0.76 0.97 1.53
C GLY B 207 -0.09 -0.07 0.82
N PRO B 208 0.08 -0.13 -0.50
CA PRO B 208 -0.82 -0.95 -1.33
C PRO B 208 -0.30 -2.36 -1.59
N PHE B 209 -1.27 -3.29 -1.67
CA PHE B 209 -1.08 -4.63 -2.21
C PHE B 209 -1.77 -4.58 -3.58
N VAL B 210 -0.99 -4.69 -4.66
CA VAL B 210 -1.54 -4.48 -6.00
C VAL B 210 -1.42 -5.77 -6.82
N MET B 211 -2.31 -5.89 -7.81
CA MET B 211 -2.27 -7.01 -8.74
C MET B 211 -2.47 -6.44 -10.14
N LYS B 212 -1.82 -7.05 -11.13
CA LYS B 212 -1.94 -6.60 -12.51
C LYS B 212 -2.95 -7.49 -13.22
N SER B 213 -4.09 -6.91 -13.57
CA SER B 213 -5.13 -7.73 -14.18
C SER B 213 -4.64 -8.30 -15.50
N PRO B 214 -4.74 -9.61 -15.70
CA PRO B 214 -4.36 -10.17 -17.01
C PRO B 214 -5.42 -9.97 -18.06
N PHE B 215 -6.58 -9.43 -17.68
CA PHE B 215 -7.67 -9.18 -18.61
C PHE B 215 -7.50 -7.85 -19.33
N ASN B 216 -7.07 -6.81 -18.61
CA ASN B 216 -6.97 -5.48 -19.21
C ASN B 216 -5.61 -4.83 -18.98
N ASN B 217 -4.67 -5.55 -18.37
CA ASN B 217 -3.29 -5.10 -18.18
C ASN B 217 -3.17 -3.82 -17.34
N ARG B 218 -4.12 -3.60 -16.43
CA ARG B 218 -4.08 -2.49 -15.49
C ARG B 218 -3.79 -2.98 -14.08
N TRP B 219 -3.14 -2.14 -13.31
CA TRP B 219 -2.88 -2.44 -11.90
C TRP B 219 -4.05 -2.02 -11.03
N TYR B 220 -4.44 -2.92 -10.13
CA TYR B 220 -5.53 -2.72 -9.20
C TYR B 220 -5.03 -2.87 -7.78
N GLN B 221 -5.50 -2.01 -6.90
CA GLN B 221 -5.15 -2.15 -5.48
C GLN B 221 -6.17 -3.04 -4.79
N MET B 222 -5.77 -4.27 -4.47
N MET B 222 -5.76 -4.26 -4.45
CA MET B 222 -6.65 -5.20 -3.78
CA MET B 222 -6.65 -5.21 -3.80
C MET B 222 -6.60 -5.05 -2.28
C MET B 222 -6.56 -5.15 -2.28
N GLY B 223 -5.44 -4.68 -1.73
CA GLY B 223 -5.26 -4.68 -0.28
C GLY B 223 -4.53 -3.45 0.20
N ILE B 224 -4.58 -3.27 1.52
CA ILE B 224 -3.82 -2.24 2.23
C ILE B 224 -3.03 -2.95 3.31
N VAL B 225 -1.72 -2.66 3.40
CA VAL B 225 -0.88 -3.24 4.44
C VAL B 225 -1.50 -2.93 5.80
N SER B 226 -1.88 -3.97 6.55
CA SER B 226 -2.63 -3.79 7.79
C SER B 226 -1.87 -4.31 9.01
N TRP B 227 -1.68 -5.62 9.16
CA TRP B 227 -1.09 -6.11 10.40
C TRP B 227 -0.38 -7.44 10.20
N GLY B 228 0.53 -7.72 11.13
CA GLY B 228 1.23 -8.99 11.18
C GLY B 228 1.81 -9.16 12.57
N GLU B 229 2.18 -10.39 12.88
CA GLU B 229 2.79 -10.70 14.17
C GLU B 229 4.26 -10.99 13.89
N GLY B 230 5.11 -9.99 14.14
CA GLY B 230 6.46 -10.02 13.64
C GLY B 230 6.48 -9.66 12.17
N CYS B 231 7.65 -9.87 11.55
CA CYS B 231 7.81 -9.64 10.11
C CYS B 231 8.57 -10.83 9.55
N ASP B 232 8.00 -11.45 8.50
CA ASP B 232 8.65 -12.55 7.78
C ASP B 232 8.96 -13.74 8.68
N ARG B 233 8.09 -14.03 9.65
CA ARG B 233 8.28 -15.22 10.47
C ARG B 233 7.71 -16.43 9.77
N ASP B 234 8.38 -17.58 9.91
CA ASP B 234 7.86 -18.82 9.38
C ASP B 234 6.51 -19.14 10.02
N GLY B 235 5.54 -19.52 9.20
CA GLY B 235 4.23 -19.88 9.69
C GLY B 235 3.32 -18.71 9.99
N LYS B 236 3.80 -17.48 9.83
N LYS B 236 3.80 -17.49 9.80
CA LYS B 236 2.99 -16.28 9.97
CA LYS B 236 2.98 -16.30 9.96
C LYS B 236 2.79 -15.68 8.59
C LYS B 236 2.82 -15.63 8.61
N TYR B 237 1.77 -14.81 8.49
CA TYR B 237 1.41 -14.16 7.24
C TYR B 237 1.06 -12.72 7.52
N GLY B 238 1.28 -11.87 6.52
CA GLY B 238 0.81 -10.51 6.61
C GLY B 238 -0.66 -10.41 6.26
N PHE B 239 -1.36 -9.50 6.94
CA PHE B 239 -2.80 -9.30 6.74
C PHE B 239 -3.08 -7.94 6.13
N TYR B 240 -4.01 -7.94 5.18
CA TYR B 240 -4.27 -6.81 4.31
C TYR B 240 -5.76 -6.49 4.34
N THR B 241 -6.08 -5.19 4.40
CA THR B 241 -7.46 -4.76 4.29
C THR B 241 -8.00 -5.11 2.91
N HIS B 242 -9.19 -5.70 2.89
CA HIS B 242 -9.84 -6.16 1.64
C HIS B 242 -10.52 -4.96 1.01
N VAL B 243 -9.85 -4.33 0.04
CA VAL B 243 -10.32 -3.05 -0.50
C VAL B 243 -11.70 -3.18 -1.13
N PHE B 244 -11.90 -4.21 -1.95
CA PHE B 244 -13.20 -4.32 -2.61
C PHE B 244 -14.34 -4.42 -1.60
N ARG B 245 -14.15 -5.18 -0.52
CA ARG B 245 -15.21 -5.35 0.47
C ARG B 245 -15.63 -4.02 1.08
N LEU B 246 -14.73 -3.03 1.10
CA LEU B 246 -15.00 -1.73 1.70
C LEU B 246 -15.21 -0.65 0.64
N LYS B 247 -15.35 -1.03 -0.63
CA LYS B 247 -15.41 -0.02 -1.68
C LYS B 247 -16.70 0.81 -1.64
N LYS B 248 -17.80 0.23 -1.15
CA LYS B 248 -19.02 1.03 -1.01
C LYS B 248 -18.78 2.22 -0.09
N TRP B 249 -17.99 2.03 0.97
CA TRP B 249 -17.67 3.15 1.85
C TRP B 249 -16.77 4.15 1.13
N ILE B 250 -15.76 3.68 0.41
CA ILE B 250 -14.89 4.57 -0.36
C ILE B 250 -15.72 5.43 -1.29
N GLN B 251 -16.64 4.80 -2.04
CA GLN B 251 -17.44 5.53 -3.02
C GLN B 251 -18.37 6.52 -2.33
N LYS B 252 -18.95 6.14 -1.19
CA LYS B 252 -19.82 7.06 -0.46
C LYS B 252 -19.07 8.31 -0.04
N VAL B 253 -17.84 8.14 0.48
CA VAL B 253 -17.05 9.28 0.91
C VAL B 253 -16.69 10.18 -0.27
N ILE B 254 -16.19 9.58 -1.36
CA ILE B 254 -15.76 10.39 -2.49
C ILE B 254 -16.97 11.08 -3.14
N ASP B 255 -18.11 10.40 -3.20
CA ASP B 255 -19.30 11.03 -3.78
C ASP B 255 -19.81 12.17 -2.91
N GLN B 256 -19.70 12.02 -1.58
CA GLN B 256 -20.26 13.02 -0.68
C GLN B 256 -19.32 14.21 -0.49
N PHE B 257 -18.00 14.00 -0.56
CA PHE B 257 -17.05 15.05 -0.22
C PHE B 257 -16.17 15.43 -1.40
N ASP C 2 19.07 11.51 9.27
CA ASP C 2 17.82 10.84 8.90
C ASP C 2 17.25 11.41 7.59
N PHE C 3 16.18 12.19 7.71
CA PHE C 3 15.50 12.72 6.54
C PHE C 3 16.04 14.10 6.17
N GLU C 4 16.25 14.30 4.88
CA GLU C 4 16.63 15.61 4.37
C GLU C 4 15.49 16.58 4.59
N GLU C 5 15.82 17.79 5.06
CA GLU C 5 14.81 18.80 5.32
C GLU C 5 14.02 19.09 4.04
N ILE C 6 12.71 19.21 4.19
CA ILE C 6 11.85 19.53 3.05
C ILE C 6 11.70 21.05 2.97
N PRO C 7 11.32 21.61 1.82
CA PRO C 7 11.18 23.07 1.72
C PRO C 7 10.19 23.62 2.74
N GLU C 8 10.55 24.76 3.32
CA GLU C 8 9.74 25.35 4.39
C GLU C 8 8.32 25.71 3.95
N GLU C 9 8.12 25.93 2.66
CA GLU C 9 6.79 26.28 2.15
C GLU C 9 5.74 25.21 2.49
N TYS C 10 6.17 23.96 2.60
CA TYS C 10 5.24 22.87 2.86
CB TYS C 10 5.84 21.54 2.41
CG TYS C 10 6.13 21.58 0.92
CD1 TYS C 10 5.10 21.73 0.01
CD2 TYS C 10 7.44 21.44 0.49
CE1 TYS C 10 5.38 21.76 -1.35
CE2 TYS C 10 7.72 21.47 -0.88
CZ TYS C 10 6.69 21.61 -1.80
OH TYS C 10 6.96 21.64 -3.14
S TYS C 10 6.95 20.36 -3.98
O1 TYS C 10 7.93 19.23 -3.32
O2 TYS C 10 7.44 20.74 -5.29
O3 TYS C 10 5.61 19.86 -4.08
C TYS C 10 4.93 22.79 4.32
O TYS C 10 4.01 22.03 4.71
N LEU C 11 5.65 23.54 5.15
CA LEU C 11 5.48 23.46 6.59
C LEU C 11 4.74 24.66 7.16
N GLN C 12 4.40 25.62 6.31
CA GLN C 12 3.72 26.83 6.75
C GLN C 12 2.21 26.61 6.84
C4 6TH D . -3.75 -5.23 17.15
C5 6TH D . -4.80 -6.25 16.77
C6 6TH D . -4.54 -6.80 15.38
N1 6TH D . 0.04 -3.76 14.36
C7 6TH D . -3.14 -7.39 15.29
C8 6TH D . 0.38 -5.06 14.26
N2 6TH D . 1.16 -3.18 11.06
C9 6TH D . -0.29 -3.02 15.60
C10 6TH D . -0.91 -1.75 15.08
C11 6TH D . -0.24 -1.51 13.74
C12 6TH D . -0.01 -2.92 13.17
C13 6TH D . 1.29 -3.00 12.37
C14 6TH D . 2.32 -3.28 10.18
C15 6TH D . 2.52 -4.66 9.59
O2 6TH D . 0.63 -5.56 13.17
C 6TH D . 0.46 -5.93 15.54
C1 6TH D . -0.67 -6.97 15.51
C2 6TH D . -2.07 -6.36 15.63
C3 6TH D . -2.34 -5.80 17.02
N 6TH D . 1.79 -6.55 15.54
O1 6TH D . 2.37 -2.91 12.94
C20 6TH D . 3.48 -5.53 10.14
C21 6TH D . 4.31 -5.13 11.32
O 6TH D . 3.94 -5.84 12.49
C19 6TH D . 3.65 -6.78 9.55
C18 6TH D . 2.91 -7.18 8.46
C17 6TH D . 1.97 -6.32 7.96
CL 6TH D . 0.98 -6.81 6.61
C16 6TH D . 1.76 -5.07 8.50
C1 NAG E . -9.39 11.46 17.98
C2 NAG E . -10.44 10.99 18.98
C3 NAG E . -11.72 11.79 18.80
C4 NAG E . -11.44 13.28 18.90
C5 NAG E . -10.33 13.67 17.92
C6 NAG E . -9.88 15.11 18.08
C7 NAG E . -10.34 8.66 19.74
C8 NAG E . -10.70 7.23 19.44
N2 NAG E . -10.71 9.56 18.83
O3 NAG E . -12.66 11.41 19.80
O4 NAG E . -12.61 14.03 18.61
O5 NAG E . -9.16 12.86 18.15
O6 NAG E . -9.40 15.64 16.85
O7 NAG E . -9.75 8.97 20.77
P PO4 F . -16.44 -5.84 14.58
O1 PO4 F . -16.35 -4.34 14.44
O2 PO4 F . -15.12 -6.36 14.06
O3 PO4 F . -17.58 -6.34 13.72
O4 PO4 F . -16.62 -6.21 16.02
S DMS G . -8.86 -14.58 -0.42
O DMS G . -8.87 -14.51 1.08
C1 DMS G . -8.40 -16.28 -0.86
C2 DMS G . -10.59 -14.61 -0.98
NA NA H . 5.87 -15.79 7.03
NA NA I . -6.62 -19.24 14.78
C1 EDO J . -14.08 -14.61 1.34
O1 EDO J . -14.42 -13.69 0.29
C2 EDO J . -15.17 -14.58 2.39
O2 EDO J . -14.74 -15.30 3.55
C1 GOL K . -13.79 -16.70 7.38
O1 GOL K . -13.00 -16.75 6.22
C2 GOL K . -13.43 -15.45 8.17
O2 GOL K . -13.30 -14.36 7.29
C3 GOL K . -14.47 -15.16 9.23
O3 GOL K . -15.71 -14.82 8.65
C1 GOL L . 3.24 0.33 12.95
O1 GOL L . 3.93 -0.86 13.22
C2 GOL L . 3.89 1.03 11.76
O2 GOL L . 3.83 0.18 10.64
C3 GOL L . 3.23 2.37 11.44
O3 GOL L . 4.07 3.05 10.54
C1 GOL M . -0.38 -25.16 11.53
O1 GOL M . -1.72 -25.15 11.11
C2 GOL M . 0.02 -23.76 11.99
O2 GOL M . -0.81 -23.34 13.06
C3 GOL M . 1.47 -23.79 12.45
O3 GOL M . 2.25 -22.98 11.59
#